data_3SI1
#
_entry.id   3SI1
#
_cell.length_a   43.240
_cell.length_b   86.870
_cell.length_c   97.160
_cell.angle_alpha   90.000
_cell.angle_beta   90.000
_cell.angle_gamma   90.000
#
_symmetry.space_group_name_H-M   'P 21 21 21'
#
loop_
_entity.id
_entity.type
_entity.pdbx_description
1 polymer 'Glutaminyl-peptide cyclotransferase'
2 branched 2-acetamido-2-deoxy-beta-D-glucopyranose-(1-4)-2-acetamido-2-deoxy-beta-D-glucopyranose
3 non-polymer 'ZINC ION'
4 water water
#
_entity_poly.entity_id   1
_entity_poly.type   'polypeptide(L)'
_entity_poly.pdbx_seq_one_letter_code
;AWTQEKNHHQPAHLNSSSLQQVAEGTSISEMWQNDLRPLLIERYPGSPGSYSARQHIMQRIQRLQAEWVVEVDTFLSRTP
YGYRSFSNIISTLNPEAKRHLVLACHYDSKYFPRWDSRVFVGATDSAVPCAMMLELARALDKKLHSLKDVSGSKPDLSLR
LIFFDGEEAFHHWSPQDSLYGSRHLAQKMASSPHPPGSRGTNQLDGMDLLVLLDLIGAANPTFPNFFPKTTRWFNRLQAI
EKELYELGLLKDHSLERKYFQNFGYGNIIQDDHIPFLRKGVPVLHLIASPFPEVWHTMDDNEENLHASTIDNLNKIIQVF
VLEYLHL
;
_entity_poly.pdbx_strand_id   A
#
# COMPACT_ATOMS: atom_id res chain seq x y z
N ALA A 1 -24.29 10.59 -14.06
CA ALA A 1 -23.66 9.94 -12.87
C ALA A 1 -22.12 10.05 -12.81
N TRP A 2 -21.61 9.93 -11.58
CA TRP A 2 -20.21 10.03 -11.21
C TRP A 2 -19.18 9.34 -12.12
N THR A 3 -19.11 8.01 -12.01
CA THR A 3 -18.06 7.07 -12.54
C THR A 3 -16.92 7.66 -13.38
N GLN A 4 -17.18 8.80 -14.01
CA GLN A 4 -16.21 9.49 -14.84
C GLN A 4 -15.62 10.74 -14.15
N GLU A 5 -16.24 11.20 -13.04
CA GLU A 5 -15.69 12.36 -12.31
C GLU A 5 -14.29 12.09 -11.78
N LYS A 6 -14.05 10.83 -11.35
CA LYS A 6 -12.75 10.39 -10.79
C LYS A 6 -11.55 11.04 -11.47
N ASN A 7 -11.67 11.20 -12.81
CA ASN A 7 -10.61 11.74 -13.70
C ASN A 7 -10.68 13.26 -13.97
N HIS A 8 -11.15 14.00 -12.96
CA HIS A 8 -11.10 15.45 -12.97
C HIS A 8 -10.31 15.98 -11.75
N HIS A 9 -10.23 15.13 -10.74
CA HIS A 9 -9.72 15.45 -9.42
C HIS A 9 -8.31 16.01 -9.45
N GLN A 10 -8.13 17.09 -8.67
CA GLN A 10 -6.82 17.64 -8.36
C GLN A 10 -6.90 18.12 -6.91
N PRO A 11 -5.74 18.20 -6.22
CA PRO A 11 -5.68 18.24 -4.75
C PRO A 11 -5.71 19.61 -4.02
N ALA A 12 -5.71 19.55 -2.70
CA ALA A 12 -5.62 20.75 -1.90
C ALA A 12 -4.24 20.77 -1.27
N HIS A 13 -3.33 21.57 -1.83
CA HIS A 13 -2.07 21.85 -1.16
C HIS A 13 -2.33 22.71 0.07
N LEU A 14 -1.73 22.23 1.15
CA LEU A 14 -1.72 22.80 2.49
C LEU A 14 -0.55 23.79 2.52
N ASN A 15 -0.26 24.33 3.70
CA ASN A 15 0.83 25.28 3.85
C ASN A 15 1.84 24.74 4.83
N SER A 16 3.00 25.40 4.94
CA SER A 16 4.07 25.04 5.88
C SER A 16 3.47 24.77 7.21
N SER A 17 2.85 25.80 7.77
CA SER A 17 2.31 25.72 9.10
C SER A 17 1.73 24.32 9.36
N SER A 18 0.81 23.91 8.50
CA SER A 18 0.26 22.58 8.56
C SER A 18 1.36 21.52 8.22
N LEU A 19 1.99 21.69 7.06
CA LEU A 19 3.15 20.86 6.63
C LEU A 19 4.17 20.55 7.72
N GLN A 20 4.44 21.54 8.57
CA GLN A 20 5.19 21.24 9.76
C GLN A 20 4.42 20.19 10.55
N GLN A 21 3.25 20.55 11.06
CA GLN A 21 2.65 19.83 12.18
C GLN A 21 2.66 18.27 12.09
N VAL A 22 2.73 17.71 10.88
CA VAL A 22 2.70 16.23 10.78
C VAL A 22 3.82 15.62 9.91
N ALA A 23 4.97 16.28 10.05
CA ALA A 23 6.28 15.80 9.67
C ALA A 23 6.86 15.61 11.05
N GLU A 24 6.09 16.07 12.02
CA GLU A 24 6.46 15.94 13.39
C GLU A 24 5.36 15.11 14.04
N GLY A 25 4.32 14.81 13.29
CA GLY A 25 3.21 14.06 13.84
C GLY A 25 3.26 12.67 13.28
N THR A 26 4.36 11.97 13.61
CA THR A 26 4.82 10.68 13.01
C THR A 26 6.13 10.36 13.75
N SER A 27 6.30 9.10 14.16
CA SER A 27 7.52 8.67 14.83
C SER A 27 7.87 7.29 14.36
N ILE A 28 8.81 7.22 13.43
CA ILE A 28 9.24 5.92 12.87
C ILE A 28 9.93 4.92 13.84
N SER A 29 10.08 5.30 15.11
CA SER A 29 10.51 4.37 16.15
C SER A 29 9.26 3.81 16.83
N GLU A 30 8.19 4.60 16.84
CA GLU A 30 6.86 4.10 17.19
C GLU A 30 6.42 3.10 16.12
N MET A 31 6.67 3.39 14.83
CA MET A 31 6.28 2.42 13.81
C MET A 31 7.09 1.14 13.96
N TRP A 32 8.42 1.29 13.87
CA TRP A 32 9.35 0.18 14.09
C TRP A 32 8.79 -0.84 15.08
N GLN A 33 8.36 -0.35 16.24
CA GLN A 33 8.15 -1.21 17.41
C GLN A 33 6.71 -1.65 17.75
N ASN A 34 5.70 -0.95 17.21
CA ASN A 34 4.29 -1.37 17.42
C ASN A 34 3.65 -2.04 16.19
N ASP A 35 3.92 -1.46 15.03
CA ASP A 35 3.33 -1.90 13.81
C ASP A 35 4.18 -3.02 13.16
N LEU A 36 5.47 -2.77 13.07
CA LEU A 36 6.30 -3.42 12.06
C LEU A 36 6.93 -4.74 12.48
N ARG A 37 7.79 -4.64 13.49
CA ARG A 37 8.52 -5.78 14.01
C ARG A 37 7.60 -6.93 14.35
N PRO A 38 6.52 -6.66 15.07
CA PRO A 38 5.73 -7.86 15.40
C PRO A 38 4.99 -8.49 14.20
N LEU A 39 5.54 -8.30 13.01
CA LEU A 39 5.13 -8.97 11.79
C LEU A 39 6.33 -9.68 11.20
N LEU A 40 7.49 -9.52 11.83
CA LEU A 40 8.74 -9.99 11.22
C LEU A 40 8.98 -11.45 11.59
N ILE A 41 8.34 -12.30 10.79
CA ILE A 41 7.99 -13.67 11.13
C ILE A 41 7.57 -14.27 9.76
N GLU A 42 7.28 -15.57 9.65
CA GLU A 42 6.95 -16.14 8.32
C GLU A 42 5.42 -16.21 8.10
N ARG A 43 4.94 -15.42 7.13
CA ARG A 43 3.52 -14.98 6.99
C ARG A 43 2.82 -15.17 5.61
N TYR A 44 3.47 -15.91 4.71
CA TYR A 44 2.87 -16.55 3.52
C TYR A 44 1.74 -17.51 3.98
N PRO A 45 0.86 -17.96 3.04
CA PRO A 45 -0.38 -18.66 3.45
C PRO A 45 -0.20 -20.02 4.15
N GLY A 46 -1.32 -20.61 4.60
CA GLY A 46 -1.33 -21.83 5.40
C GLY A 46 -0.75 -21.67 6.81
N SER A 47 0.22 -20.76 6.93
CA SER A 47 1.11 -20.74 8.06
C SER A 47 0.57 -20.08 9.32
N PRO A 48 0.63 -20.78 10.47
CA PRO A 48 0.52 -20.14 11.75
C PRO A 48 0.82 -18.65 11.67
N GLY A 49 1.85 -18.30 10.89
CA GLY A 49 2.23 -16.91 10.63
C GLY A 49 1.13 -16.08 10.00
N SER A 50 0.58 -16.54 8.87
CA SER A 50 -0.52 -15.86 8.14
C SER A 50 -1.75 -15.64 9.00
N TYR A 51 -1.56 -15.64 10.32
CA TYR A 51 -2.62 -15.34 11.25
C TYR A 51 -2.09 -14.39 12.28
N SER A 52 -0.91 -14.70 12.83
CA SER A 52 -0.35 -13.85 13.86
C SER A 52 -0.31 -12.49 13.29
N ALA A 53 -0.12 -12.43 11.99
CA ALA A 53 -0.12 -11.20 11.22
C ALA A 53 -1.61 -10.83 11.10
N ARG A 54 -2.29 -11.27 10.05
CA ARG A 54 -3.67 -10.87 9.81
C ARG A 54 -4.27 -10.35 11.08
N GLN A 55 -4.45 -11.23 12.05
CA GLN A 55 -5.02 -10.79 13.30
C GLN A 55 -4.34 -9.51 13.84
N HIS A 56 -3.02 -9.53 14.00
CA HIS A 56 -2.23 -8.38 14.47
C HIS A 56 -2.82 -7.11 13.95
N ILE A 57 -3.02 -7.07 12.63
CA ILE A 57 -3.57 -5.90 12.02
C ILE A 57 -4.84 -5.61 12.75
N MET A 58 -5.88 -6.31 12.31
CA MET A 58 -7.24 -6.03 12.65
C MET A 58 -7.32 -5.01 13.76
N GLN A 59 -7.12 -5.41 15.01
CA GLN A 59 -7.18 -4.39 16.10
C GLN A 59 -6.24 -3.16 15.87
N ARG A 60 -5.08 -3.38 15.26
CA ARG A 60 -4.14 -2.29 14.99
C ARG A 60 -4.89 -1.17 14.36
N ILE A 61 -5.80 -1.54 13.47
CA ILE A 61 -6.77 -0.61 13.02
C ILE A 61 -7.75 -0.28 14.14
N GLN A 62 -8.87 -1.01 14.15
CA GLN A 62 -10.07 -0.74 14.97
C GLN A 62 -9.80 -0.11 16.34
N ARG A 63 -8.69 -0.50 16.99
CA ARG A 63 -8.30 0.17 18.23
C ARG A 63 -8.37 1.67 18.05
N LEU A 64 -8.27 2.13 16.78
CA LEU A 64 -8.24 3.55 16.44
C LEU A 64 -9.57 4.25 16.62
N GLN A 65 -9.44 5.49 17.06
CA GLN A 65 -10.54 6.41 17.26
C GLN A 65 -11.31 6.81 15.96
N ALA A 66 -10.65 6.72 14.80
CA ALA A 66 -11.38 6.99 13.58
C ALA A 66 -12.35 5.82 13.24
N GLU A 67 -12.61 5.56 11.97
CA GLU A 67 -13.93 5.04 11.59
C GLU A 67 -14.08 3.71 10.82
N TRP A 68 -13.08 2.82 10.96
CA TRP A 68 -12.88 1.70 9.99
C TRP A 68 -13.86 0.52 10.08
N VAL A 69 -14.11 -0.06 8.90
CA VAL A 69 -15.05 -1.14 8.64
C VAL A 69 -14.35 -2.30 7.84
N VAL A 70 -14.02 -3.34 8.61
CA VAL A 70 -12.98 -4.29 8.25
C VAL A 70 -13.47 -5.71 7.84
N GLU A 71 -13.06 -6.14 6.64
CA GLU A 71 -13.55 -7.36 5.99
C GLU A 71 -12.44 -8.34 5.55
N VAL A 72 -12.60 -9.63 5.88
CA VAL A 72 -11.64 -10.67 5.45
C VAL A 72 -12.09 -11.49 4.22
N ASP A 73 -11.70 -11.11 3.02
CA ASP A 73 -12.06 -11.98 1.93
C ASP A 73 -11.12 -13.15 2.01
N THR A 74 -11.72 -14.34 2.02
CA THR A 74 -11.01 -15.63 2.20
C THR A 74 -11.56 -16.70 1.23
N PHE A 75 -10.66 -17.43 0.58
CA PHE A 75 -11.05 -18.40 -0.43
C PHE A 75 -10.00 -19.51 -0.64
N LEU A 76 -10.30 -20.38 -1.59
CA LEU A 76 -9.65 -21.67 -1.69
C LEU A 76 -9.07 -21.79 -3.06
N SER A 77 -7.83 -22.24 -3.19
CA SER A 77 -7.30 -22.21 -4.54
C SER A 77 -6.39 -23.37 -4.91
N ARG A 78 -5.82 -23.21 -6.10
CA ARG A 78 -4.94 -24.13 -6.76
C ARG A 78 -3.55 -23.69 -6.42
N THR A 79 -2.98 -24.37 -5.44
CA THR A 79 -1.58 -24.27 -5.18
C THR A 79 -0.90 -25.46 -5.90
N PRO A 80 0.27 -25.21 -6.52
CA PRO A 80 1.11 -26.31 -7.07
C PRO A 80 1.45 -27.41 -6.00
N TYR A 81 0.74 -27.37 -4.88
CA TYR A 81 0.87 -28.38 -3.83
C TYR A 81 -0.49 -28.83 -3.36
N GLY A 82 -1.54 -28.36 -4.04
CA GLY A 82 -2.94 -28.64 -3.61
C GLY A 82 -3.87 -27.46 -3.39
N TYR A 83 -4.74 -27.58 -2.39
CA TYR A 83 -5.77 -26.56 -2.18
C TYR A 83 -5.67 -25.78 -0.86
N ARG A 84 -4.64 -24.94 -0.79
CA ARG A 84 -4.46 -24.01 0.31
C ARG A 84 -5.53 -22.91 0.33
N SER A 85 -5.72 -22.28 1.49
CA SER A 85 -6.67 -21.15 1.61
C SER A 85 -5.98 -19.84 1.46
N PHE A 86 -6.76 -18.78 1.30
CA PHE A 86 -6.18 -17.44 1.13
C PHE A 86 -6.99 -16.33 1.85
N SER A 87 -6.33 -15.29 2.36
CA SER A 87 -7.08 -14.28 3.16
C SER A 87 -6.82 -12.75 3.00
N ASN A 88 -7.19 -12.20 1.85
CA ASN A 88 -7.25 -10.75 1.67
C ASN A 88 -7.95 -9.89 2.75
N ILE A 89 -7.26 -8.86 3.25
CA ILE A 89 -7.80 -7.93 4.26
C ILE A 89 -8.26 -6.58 3.72
N ILE A 90 -9.40 -6.08 4.20
CA ILE A 90 -10.05 -4.91 3.58
C ILE A 90 -10.59 -3.85 4.56
N SER A 91 -9.66 -3.09 5.13
CA SER A 91 -9.96 -1.84 5.86
C SER A 91 -10.74 -0.77 5.00
N THR A 92 -11.68 -0.05 5.65
CA THR A 92 -12.60 0.89 4.96
C THR A 92 -13.21 2.02 5.84
N LEU A 93 -12.87 3.28 5.55
CA LEU A 93 -13.56 4.41 6.18
C LEU A 93 -14.67 4.82 5.21
N ASN A 94 -15.86 5.13 5.74
CA ASN A 94 -17.01 5.45 4.89
C ASN A 94 -17.29 4.50 3.67
N PRO A 95 -17.86 3.30 3.95
CA PRO A 95 -18.17 2.26 2.94
C PRO A 95 -19.20 2.65 1.87
N GLU A 96 -20.10 3.53 2.27
CA GLU A 96 -21.28 4.03 1.54
C GLU A 96 -20.91 5.17 0.56
N ALA A 97 -20.01 6.03 1.02
CA ALA A 97 -19.21 6.83 0.13
C ALA A 97 -18.79 5.91 -1.04
N LYS A 98 -18.60 6.48 -2.22
CA LYS A 98 -18.51 5.68 -3.45
C LYS A 98 -17.47 6.19 -4.44
N ARG A 99 -16.34 6.61 -3.87
CA ARG A 99 -15.06 6.77 -4.58
C ARG A 99 -13.90 6.94 -3.60
N HIS A 100 -12.87 6.12 -3.75
CA HIS A 100 -11.91 5.95 -2.66
C HIS A 100 -10.46 5.98 -3.05
N LEU A 101 -9.70 6.70 -2.24
CA LEU A 101 -8.29 6.59 -2.28
C LEU A 101 -8.03 5.36 -1.45
N VAL A 102 -7.07 4.57 -1.94
CA VAL A 102 -6.74 3.26 -1.41
C VAL A 102 -5.25 3.06 -1.55
N LEU A 103 -4.68 2.48 -0.51
CA LEU A 103 -3.29 2.09 -0.53
C LEU A 103 -3.33 0.63 -0.22
N ALA A 104 -2.31 -0.10 -0.64
CA ALA A 104 -2.40 -1.55 -0.54
C ALA A 104 -1.08 -2.29 -0.75
N CYS A 105 -0.50 -2.77 0.36
CA CYS A 105 0.61 -3.73 0.30
C CYS A 105 0.22 -5.23 0.07
N HIS A 106 1.22 -6.10 -0.14
CA HIS A 106 0.98 -7.54 0.07
C HIS A 106 1.34 -8.02 1.47
N TYR A 107 0.39 -8.61 2.16
CA TYR A 107 0.63 -8.91 3.54
C TYR A 107 1.28 -10.26 3.82
N ASP A 108 1.75 -10.94 2.78
CA ASP A 108 2.28 -12.25 2.99
C ASP A 108 3.77 -12.19 2.72
N SER A 109 4.42 -13.36 2.90
CA SER A 109 5.86 -13.54 2.75
C SER A 109 6.09 -14.45 1.57
N LYS A 110 7.34 -14.78 1.27
CA LYS A 110 7.57 -15.93 0.41
C LYS A 110 7.69 -17.26 1.22
N TYR A 111 7.09 -18.32 0.68
CA TYR A 111 7.46 -19.62 1.15
C TYR A 111 8.91 -19.84 0.76
N PHE A 112 9.65 -20.37 1.70
CA PHE A 112 10.97 -20.82 1.39
C PHE A 112 11.33 -22.10 2.15
N PRO A 113 11.82 -23.12 1.42
CA PRO A 113 12.05 -24.46 1.98
C PRO A 113 12.90 -24.44 3.24
N ARG A 114 12.78 -25.52 4.02
CA ARG A 114 13.28 -25.55 5.41
C ARG A 114 14.41 -26.53 5.62
N TRP A 115 15.63 -26.01 5.56
CA TRP A 115 16.85 -26.84 5.68
C TRP A 115 17.73 -26.38 6.83
N ASP A 116 17.32 -25.30 7.51
CA ASP A 116 18.00 -24.82 8.70
C ASP A 116 17.17 -23.82 9.50
N SER A 117 17.66 -23.54 10.70
CA SER A 117 17.01 -22.67 11.64
C SER A 117 16.67 -21.31 11.00
N ARG A 118 17.56 -20.82 10.12
CA ARG A 118 17.30 -19.63 9.30
C ARG A 118 16.07 -19.82 8.43
N VAL A 119 15.38 -18.70 8.18
CA VAL A 119 14.07 -18.66 7.53
C VAL A 119 13.73 -17.24 7.04
N PHE A 120 13.18 -17.15 5.84
CA PHE A 120 12.76 -15.89 5.27
C PHE A 120 11.85 -15.10 6.20
N VAL A 121 11.67 -13.82 5.87
CA VAL A 121 10.92 -12.87 6.66
C VAL A 121 10.27 -11.81 5.74
N GLY A 122 11.07 -11.29 4.82
CA GLY A 122 10.69 -10.16 3.96
C GLY A 122 10.54 -8.91 4.78
N ALA A 123 11.61 -8.10 4.90
CA ALA A 123 11.47 -6.73 5.50
C ALA A 123 10.81 -5.73 4.56
N THR A 124 11.61 -5.34 3.57
CA THR A 124 11.27 -4.54 2.41
C THR A 124 10.16 -5.15 1.58
N ASP A 125 10.18 -6.49 1.44
CA ASP A 125 9.31 -7.28 0.57
C ASP A 125 8.50 -8.21 1.49
N SER A 126 7.45 -7.72 2.17
CA SER A 126 7.07 -6.31 2.27
C SER A 126 6.09 -6.07 3.41
N ALA A 127 6.70 -5.91 4.58
CA ALA A 127 5.98 -5.49 5.78
C ALA A 127 6.26 -4.05 5.97
N VAL A 128 7.42 -3.61 5.53
CA VAL A 128 7.62 -2.15 5.48
C VAL A 128 6.43 -1.41 4.90
N PRO A 129 5.98 -1.78 3.65
CA PRO A 129 4.74 -1.15 3.16
C PRO A 129 3.67 -1.17 4.26
N CYS A 130 2.95 -2.27 4.36
CA CYS A 130 1.91 -2.37 5.35
C CYS A 130 2.20 -1.49 6.62
N ALA A 131 3.41 -1.58 7.15
CA ALA A 131 3.78 -0.86 8.37
C ALA A 131 3.49 0.67 8.28
N MET A 132 3.71 1.28 7.10
CA MET A 132 3.48 2.73 6.93
C MET A 132 1.98 3.01 6.83
N MET A 133 1.39 2.40 5.78
CA MET A 133 -0.04 2.15 5.65
C MET A 133 -0.67 2.04 7.05
N LEU A 134 0.09 1.51 8.03
CA LEU A 134 -0.39 1.46 9.43
C LEU A 134 -0.12 2.77 10.17
N GLU A 135 1.12 3.26 10.05
CA GLU A 135 1.48 4.64 10.49
C GLU A 135 0.45 5.64 9.92
N LEU A 136 0.24 5.49 8.63
CA LEU A 136 -0.48 6.44 7.84
C LEU A 136 -1.94 6.69 8.19
N ALA A 137 -2.48 5.97 9.15
CA ALA A 137 -3.84 6.24 9.54
C ALA A 137 -3.86 6.33 11.05
N ARG A 138 -2.71 5.96 11.64
CA ARG A 138 -2.44 6.42 12.98
C ARG A 138 -2.15 7.92 12.80
N ALA A 139 -0.92 8.28 12.46
CA ALA A 139 -0.47 9.68 12.51
C ALA A 139 -1.62 10.65 12.30
N LEU A 140 -2.24 10.57 11.11
CA LEU A 140 -3.31 11.45 10.74
C LEU A 140 -4.59 10.78 11.10
N ASP A 141 -4.85 10.61 12.36
CA ASP A 141 -6.06 9.85 12.71
C ASP A 141 -7.32 10.69 12.46
N LYS A 142 -7.54 11.66 13.36
CA LYS A 142 -8.78 12.44 13.51
C LYS A 142 -9.10 13.29 12.30
N LYS A 143 -8.07 13.83 11.65
CA LYS A 143 -8.18 14.34 10.27
C LYS A 143 -9.06 13.43 9.35
N LEU A 144 -8.93 12.13 9.55
CA LEU A 144 -9.60 11.11 8.78
C LEU A 144 -11.01 10.85 9.32
N HIS A 145 -11.12 11.01 10.65
CA HIS A 145 -12.38 10.90 11.32
C HIS A 145 -13.20 12.13 10.97
N SER A 146 -12.53 13.26 10.79
CA SER A 146 -13.23 14.53 10.56
C SER A 146 -13.76 14.61 9.10
N LEU A 147 -14.95 14.01 8.89
CA LEU A 147 -15.55 13.69 7.57
C LEU A 147 -16.90 12.94 7.66
N LYS A 148 -17.41 12.72 8.87
CA LYS A 148 -18.75 12.12 9.02
C LYS A 148 -19.97 13.09 8.98
N ASP A 149 -20.33 13.46 7.74
CA ASP A 149 -21.44 14.37 7.38
C ASP A 149 -22.60 13.83 6.45
N VAL A 150 -22.37 12.85 5.55
CA VAL A 150 -21.08 12.29 5.14
C VAL A 150 -20.90 12.60 3.64
N PRO A 155 -17.55 15.34 -2.30
CA PRO A 155 -18.59 14.30 -2.39
C PRO A 155 -18.08 12.98 -1.80
N ASP A 156 -18.88 11.92 -1.91
CA ASP A 156 -18.44 10.52 -1.70
C ASP A 156 -17.01 10.22 -2.16
N LEU A 157 -16.18 9.78 -1.20
CA LEU A 157 -14.70 9.78 -1.31
C LEU A 157 -13.97 9.58 0.05
N SER A 158 -13.27 8.47 0.21
CA SER A 158 -12.48 8.27 1.42
C SER A 158 -11.35 7.23 1.23
N LEU A 159 -11.26 6.26 2.14
CA LEU A 159 -10.00 5.57 2.34
C LEU A 159 -10.09 4.09 2.64
N ARG A 160 -9.55 3.36 1.70
CA ARG A 160 -9.65 1.95 1.72
C ARG A 160 -8.23 1.56 1.85
N LEU A 161 -8.00 0.60 2.74
CA LEU A 161 -6.72 -0.11 2.75
C LEU A 161 -6.94 -1.51 2.27
N ILE A 162 -5.90 -2.12 1.72
CA ILE A 162 -6.00 -3.49 1.22
C ILE A 162 -4.68 -4.18 1.43
N PHE A 163 -4.77 -5.42 1.87
CA PHE A 163 -3.59 -6.21 2.18
C PHE A 163 -3.91 -7.42 1.47
N PHE A 164 -3.16 -7.62 0.40
CA PHE A 164 -3.31 -8.79 -0.43
C PHE A 164 -2.54 -9.94 0.21
N ASP A 165 -3.16 -11.13 0.24
CA ASP A 165 -2.51 -12.39 0.65
C ASP A 165 -2.27 -13.31 -0.54
N GLY A 166 -1.00 -13.65 -0.76
CA GLY A 166 -0.64 -14.47 -1.93
C GLY A 166 -0.13 -13.54 -3.02
N GLU A 167 0.90 -12.76 -2.70
CA GLU A 167 1.59 -12.00 -3.72
C GLU A 167 2.36 -12.97 -4.59
N GLU A 168 2.98 -13.95 -3.95
CA GLU A 168 4.04 -14.71 -4.62
C GLU A 168 3.63 -16.13 -5.03
N ALA A 169 4.40 -16.70 -5.95
CA ALA A 169 4.18 -18.06 -6.46
C ALA A 169 4.95 -19.06 -5.60
N PHE A 170 4.41 -20.25 -5.35
CA PHE A 170 5.13 -21.21 -4.46
C PHE A 170 6.52 -21.64 -4.94
N HIS A 171 6.51 -22.57 -5.91
CA HIS A 171 7.72 -23.00 -6.55
C HIS A 171 8.16 -22.05 -7.65
N HIS A 172 7.20 -21.59 -8.44
CA HIS A 172 7.59 -21.06 -9.72
C HIS A 172 6.65 -19.95 -10.22
N TRP A 173 7.14 -18.71 -10.22
CA TRP A 173 6.32 -17.57 -10.67
C TRP A 173 5.67 -17.87 -12.03
N SER A 174 4.34 -17.75 -12.06
CA SER A 174 3.56 -17.97 -13.28
C SER A 174 2.29 -17.14 -13.25
N PRO A 175 1.72 -16.81 -14.44
CA PRO A 175 0.33 -16.40 -14.68
C PRO A 175 -0.73 -17.07 -13.81
N GLN A 176 -0.46 -18.28 -13.32
CA GLN A 176 -1.40 -19.00 -12.43
C GLN A 176 -0.83 -19.61 -11.14
N ASP A 177 0.50 -19.53 -10.98
CA ASP A 177 1.13 -19.63 -9.66
C ASP A 177 1.61 -18.24 -9.19
N SER A 178 0.66 -17.34 -8.89
CA SER A 178 0.93 -15.99 -8.35
C SER A 178 -0.30 -15.05 -8.29
N LEU A 179 -0.25 -14.16 -7.29
CA LEU A 179 -1.20 -13.08 -7.15
C LEU A 179 -2.53 -13.54 -6.52
N TYR A 180 -2.78 -14.85 -6.60
CA TYR A 180 -3.96 -15.44 -6.00
C TYR A 180 -4.96 -14.34 -5.52
N GLY A 181 -4.73 -13.76 -4.35
CA GLY A 181 -5.55 -12.66 -3.87
C GLY A 181 -5.92 -11.65 -4.94
N SER A 182 -4.98 -10.77 -5.28
CA SER A 182 -5.21 -9.74 -6.31
C SER A 182 -6.35 -10.12 -7.21
N ARG A 183 -6.10 -11.09 -8.10
CA ARG A 183 -7.06 -11.48 -9.15
C ARG A 183 -8.45 -11.72 -8.59
N HIS A 184 -8.58 -12.72 -7.69
CA HIS A 184 -9.76 -13.00 -6.84
C HIS A 184 -10.49 -11.77 -6.23
N LEU A 185 -9.79 -10.64 -6.13
CA LEU A 185 -10.40 -9.43 -5.62
C LEU A 185 -11.07 -8.68 -6.76
N ALA A 186 -10.37 -8.60 -7.88
CA ALA A 186 -10.91 -7.95 -9.10
C ALA A 186 -12.32 -8.44 -9.44
N GLN A 187 -12.47 -9.66 -9.95
CA GLN A 187 -13.79 -10.18 -10.34
C GLN A 187 -14.76 -10.34 -9.17
N LYS A 188 -14.29 -10.01 -7.97
CA LYS A 188 -15.17 -9.88 -6.81
C LYS A 188 -15.55 -8.41 -6.59
N MET A 189 -14.58 -7.51 -6.69
CA MET A 189 -14.83 -6.07 -6.85
C MET A 189 -15.79 -5.81 -8.03
N ALA A 190 -15.45 -6.38 -9.18
CA ALA A 190 -16.19 -6.22 -10.40
C ALA A 190 -17.63 -6.74 -10.25
N SER A 191 -17.77 -7.98 -9.77
CA SER A 191 -19.10 -8.58 -9.62
C SER A 191 -20.05 -7.63 -8.91
N SER A 192 -19.67 -7.23 -7.71
CA SER A 192 -20.56 -6.56 -6.76
C SER A 192 -20.64 -5.06 -7.05
N PRO A 193 -21.87 -4.49 -7.05
CA PRO A 193 -22.02 -3.05 -7.24
C PRO A 193 -22.27 -2.26 -5.95
N HIS A 194 -21.57 -1.13 -5.82
CA HIS A 194 -22.10 -0.02 -5.05
C HIS A 194 -22.15 1.29 -5.86
N PRO A 195 -23.25 2.08 -5.71
CA PRO A 195 -24.41 1.86 -4.81
C PRO A 195 -25.03 0.45 -4.87
N PRO A 196 -25.55 -0.05 -3.74
CA PRO A 196 -26.32 -1.29 -3.73
C PRO A 196 -27.87 -1.10 -3.87
N GLY A 197 -28.44 -1.32 -5.07
CA GLY A 197 -27.71 -1.73 -6.28
C GLY A 197 -27.89 -0.87 -7.53
N SER A 198 -27.01 0.12 -7.69
CA SER A 198 -26.92 0.87 -8.96
C SER A 198 -26.37 -0.03 -10.04
N ARG A 199 -27.15 -0.12 -11.12
CA ARG A 199 -27.05 -1.16 -12.14
C ARG A 199 -25.64 -1.43 -12.77
N GLY A 200 -25.13 -0.46 -13.55
CA GLY A 200 -23.83 -0.56 -14.24
C GLY A 200 -22.67 0.07 -13.48
N THR A 201 -22.85 0.18 -12.15
CA THR A 201 -21.81 0.62 -11.18
C THR A 201 -21.50 -0.47 -10.11
N ASN A 202 -20.40 -1.20 -10.33
CA ASN A 202 -19.88 -2.13 -9.34
C ASN A 202 -18.85 -1.48 -8.41
N GLN A 203 -18.07 -2.30 -7.70
CA GLN A 203 -17.04 -1.81 -6.76
C GLN A 203 -15.76 -1.23 -7.45
N LEU A 204 -15.48 -1.69 -8.67
CA LEU A 204 -14.30 -1.27 -9.43
C LEU A 204 -14.46 0.11 -10.09
N ASP A 205 -15.62 0.74 -9.88
CA ASP A 205 -15.92 2.07 -10.42
C ASP A 205 -15.46 3.21 -9.50
N GLY A 206 -15.44 2.93 -8.20
CA GLY A 206 -15.16 3.96 -7.21
C GLY A 206 -13.73 3.93 -6.78
N MET A 207 -12.97 2.98 -7.29
CA MET A 207 -11.56 2.93 -6.98
C MET A 207 -10.81 4.12 -7.60
N ASP A 208 -10.50 5.11 -6.76
CA ASP A 208 -10.07 6.40 -7.32
C ASP A 208 -8.65 6.35 -7.81
N LEU A 209 -7.70 6.16 -6.90
CA LEU A 209 -6.37 5.69 -7.30
C LEU A 209 -6.11 4.38 -6.56
N LEU A 210 -4.98 3.76 -6.92
CA LEU A 210 -4.41 2.62 -6.22
C LEU A 210 -2.88 2.69 -6.17
N VAL A 211 -2.35 2.94 -4.97
CA VAL A 211 -0.96 3.12 -4.76
C VAL A 211 -0.53 1.86 -4.06
N LEU A 212 0.01 0.95 -4.87
CA LEU A 212 0.48 -0.33 -4.42
C LEU A 212 1.85 -0.03 -4.05
N LEU A 213 2.30 -0.62 -2.97
CA LEU A 213 3.69 -0.46 -2.52
C LEU A 213 4.33 -1.84 -2.36
N ASP A 214 5.55 -2.00 -2.92
CA ASP A 214 6.42 -3.17 -2.63
C ASP A 214 7.93 -2.81 -2.57
N LEU A 215 8.75 -3.81 -2.26
CA LEU A 215 10.18 -3.65 -2.04
C LEU A 215 10.58 -2.40 -1.25
N ILE A 216 9.84 -2.03 -0.20
CA ILE A 216 10.22 -0.80 0.49
C ILE A 216 10.97 -1.03 1.78
N GLY A 217 12.25 -0.61 1.82
CA GLY A 217 13.04 -0.42 3.06
C GLY A 217 14.56 -0.27 2.94
N ALA A 218 15.07 -0.33 1.70
CA ALA A 218 16.54 -0.24 1.49
C ALA A 218 17.09 1.18 1.73
N ALA A 219 18.41 1.31 1.65
CA ALA A 219 18.98 2.63 1.45
C ALA A 219 18.91 2.95 -0.06
N ASN A 220 18.44 4.15 -0.38
CA ASN A 220 18.73 4.76 -1.71
C ASN A 220 18.07 4.11 -2.90
N PRO A 221 16.75 4.22 -2.96
CA PRO A 221 15.87 3.63 -3.93
C PRO A 221 15.59 4.56 -5.14
N THR A 222 14.77 4.07 -6.08
CA THR A 222 14.25 4.85 -7.18
C THR A 222 12.99 4.24 -7.77
N PHE A 223 11.97 5.09 -7.81
CA PHE A 223 10.66 4.69 -8.26
C PHE A 223 10.54 5.36 -9.59
N PRO A 224 10.39 4.55 -10.63
CA PRO A 224 9.86 4.98 -11.92
C PRO A 224 8.50 5.74 -11.83
N ASN A 225 7.82 5.80 -12.99
CA ASN A 225 6.46 6.26 -13.13
C ASN A 225 6.09 5.60 -14.43
N PHE A 226 5.07 4.76 -14.40
CA PHE A 226 4.85 3.76 -15.42
C PHE A 226 3.73 4.12 -16.30
N PHE A 227 2.81 4.88 -15.74
CA PHE A 227 1.51 5.17 -16.34
C PHE A 227 1.24 6.64 -16.20
N PRO A 228 1.52 7.40 -17.28
CA PRO A 228 1.16 8.77 -17.52
C PRO A 228 -0.27 9.05 -17.08
N LYS A 229 -1.16 8.08 -17.28
CA LYS A 229 -2.48 7.94 -16.64
C LYS A 229 -2.54 8.66 -15.30
N THR A 230 -1.51 8.36 -14.50
CA THR A 230 -1.43 8.66 -13.07
C THR A 230 -0.16 9.50 -12.73
N THR A 231 0.58 9.92 -13.75
CA THR A 231 1.87 10.63 -13.55
C THR A 231 1.60 12.07 -13.24
N ARG A 232 0.41 12.56 -13.63
CA ARG A 232 0.00 13.93 -13.29
C ARG A 232 0.06 14.00 -11.81
N TRP A 233 -0.33 12.88 -11.21
CA TRP A 233 -0.22 12.63 -9.78
C TRP A 233 1.20 12.36 -9.37
N PHE A 234 1.91 11.40 -10.01
CA PHE A 234 3.39 11.26 -9.84
C PHE A 234 4.10 12.59 -9.65
N ASN A 235 3.77 13.56 -10.52
CA ASN A 235 4.05 14.98 -10.27
C ASN A 235 3.81 15.42 -8.82
N ARG A 236 2.88 14.82 -8.09
CA ARG A 236 2.71 15.30 -6.73
C ARG A 236 3.92 14.92 -5.90
N LEU A 237 4.53 13.79 -6.27
CA LEU A 237 5.69 13.29 -5.53
C LEU A 237 6.96 13.88 -6.07
N GLN A 238 6.96 14.23 -7.35
CA GLN A 238 7.96 15.22 -7.75
C GLN A 238 7.88 16.30 -6.67
N ALA A 239 6.74 17.01 -6.72
CA ALA A 239 6.39 18.19 -5.97
C ALA A 239 6.55 18.13 -4.43
N ILE A 240 5.79 17.27 -3.74
CA ILE A 240 5.93 17.05 -2.27
C ILE A 240 7.42 17.00 -1.90
N GLU A 241 8.19 16.14 -2.61
CA GLU A 241 9.56 15.76 -2.26
C GLU A 241 10.57 16.88 -2.25
N LYS A 242 10.16 18.09 -2.68
CA LYS A 242 11.04 19.26 -2.79
C LYS A 242 10.58 20.46 -1.99
N GLU A 243 9.31 20.90 -2.16
CA GLU A 243 8.72 21.96 -1.28
C GLU A 243 8.99 21.57 0.20
N LEU A 244 9.80 20.53 0.36
CA LEU A 244 9.89 19.75 1.56
C LEU A 244 11.31 19.49 2.04
N TYR A 245 12.17 18.92 1.21
CA TYR A 245 13.51 18.82 1.71
C TYR A 245 14.09 20.24 1.83
N GLU A 246 13.66 21.17 0.94
CA GLU A 246 14.01 22.60 1.07
C GLU A 246 13.89 23.10 2.52
N LEU A 247 12.68 23.00 3.08
CA LEU A 247 12.37 23.31 4.49
C LEU A 247 12.95 22.32 5.51
N GLY A 248 13.56 21.24 5.02
CA GLY A 248 14.41 20.43 5.84
C GLY A 248 13.66 19.53 6.77
N LEU A 249 12.39 19.26 6.46
CA LEU A 249 11.65 18.21 7.18
C LEU A 249 12.21 16.80 6.78
N LEU A 250 13.47 16.79 6.39
CA LEU A 250 14.06 15.65 5.77
C LEU A 250 15.41 15.39 6.36
N LYS A 251 15.62 14.15 6.80
CA LYS A 251 16.87 13.70 7.41
C LYS A 251 17.71 12.86 6.48
N ASP A 252 19.02 13.03 6.59
CA ASP A 252 19.97 12.27 5.80
C ASP A 252 19.47 12.14 4.34
N HIS A 253 18.99 13.25 3.78
CA HIS A 253 18.50 13.21 2.41
C HIS A 253 18.77 14.47 1.63
N SER A 254 19.20 14.26 0.36
CA SER A 254 19.37 15.32 -0.67
C SER A 254 18.55 15.05 -1.94
N LEU A 255 18.31 16.12 -2.72
CA LEU A 255 17.44 16.11 -3.92
C LEU A 255 18.26 15.98 -5.20
N GLU A 256 19.55 15.70 -5.05
CA GLU A 256 20.41 15.37 -6.18
C GLU A 256 20.60 13.86 -6.16
N ARG A 257 19.89 13.22 -5.24
CA ARG A 257 19.50 11.83 -5.41
C ARG A 257 18.01 11.63 -5.04
N LYS A 258 17.16 11.98 -6.00
CA LYS A 258 15.72 11.84 -5.89
C LYS A 258 15.39 10.39 -6.22
N TYR A 259 14.35 9.84 -5.57
CA TYR A 259 13.80 8.55 -5.95
C TYR A 259 12.51 8.62 -6.72
N PHE A 260 11.66 9.60 -6.38
CA PHE A 260 10.55 9.92 -7.28
C PHE A 260 11.02 10.68 -8.51
N GLN A 261 11.69 9.96 -9.42
CA GLN A 261 12.31 10.54 -10.62
C GLN A 261 11.80 10.04 -11.96
N ASN A 262 11.69 10.97 -12.91
CA ASN A 262 10.89 10.73 -14.12
C ASN A 262 11.62 10.35 -15.45
N PHE A 263 11.72 9.04 -15.74
CA PHE A 263 12.14 8.47 -17.09
C PHE A 263 11.79 7.01 -17.51
N GLY A 264 11.51 6.10 -16.56
CA GLY A 264 11.43 4.62 -16.83
C GLY A 264 10.14 4.08 -17.47
N TYR A 265 9.79 4.68 -18.62
CA TYR A 265 8.41 4.78 -19.16
C TYR A 265 7.77 3.54 -19.80
N GLY A 266 6.55 3.23 -19.33
CA GLY A 266 5.76 2.05 -19.74
C GLY A 266 6.57 0.76 -19.68
N ASN A 267 6.76 0.23 -18.44
CA ASN A 267 7.73 -0.84 -18.13
C ASN A 267 7.20 -2.14 -17.46
N ILE A 268 7.94 -3.22 -17.68
CA ILE A 268 7.44 -4.58 -17.51
C ILE A 268 7.59 -5.16 -16.08
N ILE A 269 6.88 -4.56 -15.10
CA ILE A 269 6.94 -5.06 -13.71
C ILE A 269 5.57 -5.55 -13.20
N GLN A 270 5.55 -6.70 -12.55
CA GLN A 270 4.32 -7.45 -12.38
C GLN A 270 4.01 -7.73 -10.93
N ASP A 271 3.28 -6.82 -10.31
CA ASP A 271 2.92 -7.03 -8.93
C ASP A 271 1.48 -7.51 -8.90
N ASP A 272 0.90 -7.47 -7.68
CA ASP A 272 -0.53 -7.53 -7.37
C ASP A 272 -1.39 -6.53 -8.18
N HIS A 273 -0.75 -5.56 -8.83
CA HIS A 273 -1.51 -4.45 -9.41
C HIS A 273 -2.11 -4.79 -10.77
N ILE A 274 -1.34 -5.46 -11.63
CA ILE A 274 -1.76 -5.77 -13.00
C ILE A 274 -3.28 -6.02 -13.25
N PRO A 275 -3.96 -6.86 -12.44
CA PRO A 275 -5.31 -7.18 -12.91
C PRO A 275 -6.33 -6.11 -12.51
N PHE A 276 -5.86 -5.07 -11.84
CA PHE A 276 -6.74 -4.00 -11.47
C PHE A 276 -6.61 -3.05 -12.63
N LEU A 277 -5.52 -2.31 -12.66
CA LEU A 277 -5.04 -1.79 -13.92
C LEU A 277 -5.61 -2.44 -15.20
N ARG A 278 -6.06 -3.69 -15.13
CA ARG A 278 -6.62 -4.34 -16.36
C ARG A 278 -8.16 -4.50 -16.29
N LYS A 279 -8.75 -3.53 -15.60
CA LYS A 279 -10.08 -3.07 -15.88
C LYS A 279 -9.91 -1.52 -15.99
N GLY A 280 -8.84 -1.13 -16.68
CA GLY A 280 -8.48 0.27 -16.88
C GLY A 280 -8.30 1.17 -15.65
N VAL A 281 -8.43 0.61 -14.45
CA VAL A 281 -8.20 1.40 -13.24
C VAL A 281 -6.89 2.18 -13.40
N PRO A 282 -6.88 3.50 -13.04
CA PRO A 282 -5.57 4.19 -12.85
C PRO A 282 -4.87 3.67 -11.60
N VAL A 283 -3.64 3.14 -11.77
CA VAL A 283 -2.81 2.61 -10.67
C VAL A 283 -1.43 3.27 -10.65
N LEU A 284 -0.80 3.32 -9.46
CA LEU A 284 0.49 3.97 -9.23
C LEU A 284 1.42 2.95 -8.54
N HIS A 285 2.47 2.49 -9.23
CA HIS A 285 3.30 1.33 -8.75
C HIS A 285 4.66 1.73 -8.18
N LEU A 286 4.86 1.56 -6.87
CA LEU A 286 6.02 2.14 -6.16
C LEU A 286 6.83 1.17 -5.21
N ILE A 287 8.13 1.02 -5.57
CA ILE A 287 8.81 -0.28 -5.62
C ILE A 287 10.31 -0.10 -5.98
N ALA A 288 11.17 0.20 -4.99
CA ALA A 288 12.61 0.37 -5.27
C ALA A 288 12.99 -0.35 -6.58
N SER A 289 13.34 0.43 -7.58
CA SER A 289 13.87 -0.13 -8.83
C SER A 289 15.22 0.54 -9.15
N PRO A 290 16.33 -0.23 -9.22
CA PRO A 290 16.35 -1.71 -9.09
C PRO A 290 16.01 -2.16 -7.67
N PHE A 291 15.48 -3.38 -7.62
CA PHE A 291 15.18 -4.14 -6.44
C PHE A 291 16.20 -3.95 -5.33
N PRO A 292 15.75 -3.96 -4.07
CA PRO A 292 16.69 -3.92 -2.98
C PRO A 292 17.71 -4.99 -3.25
N GLU A 293 18.97 -4.63 -3.02
CA GLU A 293 20.08 -5.42 -3.50
C GLU A 293 20.27 -6.74 -2.77
N VAL A 294 19.16 -7.21 -2.17
CA VAL A 294 19.11 -8.36 -1.28
C VAL A 294 17.79 -9.11 -1.48
N TRP A 295 17.01 -8.65 -2.44
CA TRP A 295 15.66 -9.15 -2.68
C TRP A 295 15.70 -10.66 -2.61
N HIS A 296 14.93 -11.25 -1.69
CA HIS A 296 14.72 -12.70 -1.66
C HIS A 296 15.90 -13.45 -1.10
N THR A 297 17.10 -12.88 -1.12
CA THR A 297 18.18 -13.60 -0.44
C THR A 297 17.71 -13.77 1.04
N MET A 298 18.35 -14.59 1.87
CA MET A 298 17.74 -14.81 3.20
C MET A 298 17.92 -13.55 3.98
N ASP A 299 18.90 -12.81 3.48
CA ASP A 299 19.29 -11.46 3.94
C ASP A 299 18.31 -10.29 3.74
N ASP A 300 17.06 -10.55 3.31
CA ASP A 300 16.02 -9.50 3.24
C ASP A 300 15.35 -9.17 4.61
N ASN A 301 16.17 -8.60 5.52
CA ASN A 301 15.84 -8.36 6.93
C ASN A 301 16.00 -6.90 7.53
N GLU A 302 16.08 -6.83 8.87
CA GLU A 302 16.15 -5.58 9.65
C GLU A 302 17.50 -4.87 9.37
N GLU A 303 18.59 -5.29 10.04
CA GLU A 303 19.95 -5.18 9.49
C GLU A 303 20.02 -4.20 8.31
N ASN A 304 19.78 -4.72 7.11
CA ASN A 304 19.66 -3.88 5.93
C ASN A 304 18.27 -3.31 5.90
N LEU A 305 18.01 -2.40 6.85
CA LEU A 305 16.94 -1.45 6.67
C LEU A 305 17.54 -0.05 6.83
N HIS A 306 16.69 0.92 7.15
CA HIS A 306 17.07 2.31 7.21
C HIS A 306 15.85 3.13 7.50
N ALA A 307 15.57 3.30 8.79
CA ALA A 307 14.58 4.28 9.27
C ALA A 307 14.43 5.43 8.29
N SER A 308 15.27 6.46 8.50
CA SER A 308 15.34 7.58 7.58
C SER A 308 14.29 7.22 6.53
N THR A 309 14.76 6.61 5.46
CA THR A 309 13.90 6.36 4.34
C THR A 309 12.44 6.21 4.77
N ILE A 310 12.00 4.97 4.99
CA ILE A 310 10.64 4.62 5.40
C ILE A 310 9.79 5.86 5.80
N ASP A 311 10.09 6.32 6.98
CA ASP A 311 9.82 7.67 7.43
C ASP A 311 9.71 8.75 6.36
N ASN A 312 10.77 9.52 6.11
CA ASN A 312 10.66 10.61 5.14
C ASN A 312 9.53 10.20 4.25
N LEU A 313 9.66 8.98 3.74
CA LEU A 313 8.76 8.46 2.75
C LEU A 313 7.38 8.21 3.38
N ASN A 314 7.35 8.14 4.71
CA ASN A 314 6.10 8.06 5.44
C ASN A 314 5.35 9.32 5.46
N LYS A 315 6.02 10.45 5.70
CA LYS A 315 5.40 11.82 5.56
C LYS A 315 4.82 11.94 4.17
N ILE A 316 5.48 12.73 3.34
CA ILE A 316 5.26 12.62 1.91
C ILE A 316 3.78 12.34 1.47
N ILE A 317 3.35 11.08 1.55
CA ILE A 317 2.03 10.69 1.09
C ILE A 317 1.00 10.98 2.16
N GLN A 318 1.43 10.97 3.41
CA GLN A 318 0.55 11.41 4.44
C GLN A 318 0.22 12.89 4.11
N VAL A 319 0.93 13.50 3.18
CA VAL A 319 0.41 14.69 2.51
C VAL A 319 -0.46 14.27 1.35
N PHE A 320 0.12 13.66 0.32
CA PHE A 320 -0.60 13.36 -0.90
C PHE A 320 -1.98 12.92 -0.40
N VAL A 321 -2.08 11.72 0.22
CA VAL A 321 -3.37 11.22 0.77
C VAL A 321 -4.36 12.34 1.19
N LEU A 322 -3.84 13.30 1.94
CA LEU A 322 -4.61 14.49 2.23
C LEU A 322 -4.91 15.10 0.90
N GLU A 323 -4.20 16.20 0.60
CA GLU A 323 -4.20 16.78 -0.75
C GLU A 323 -5.38 16.19 -1.51
N TYR A 324 -5.20 15.07 -2.24
CA TYR A 324 -6.33 14.24 -2.76
C TYR A 324 -7.64 14.67 -2.05
N LEU A 325 -7.84 14.07 -0.86
CA LEU A 325 -8.95 14.36 0.05
C LEU A 325 -8.75 15.71 0.63
N HIS A 326 -9.40 16.69 -0.01
CA HIS A 326 -9.35 18.15 0.31
C HIS A 326 -9.15 18.56 1.80
N LEU A 327 -8.24 17.85 2.46
CA LEU A 327 -7.38 18.46 3.49
C LEU A 327 -6.11 18.79 2.72
#